data_8PAS
#
_entry.id   8PAS
#
_cell.length_a   61.040
_cell.length_b   100.056
_cell.length_c   61.055
_cell.angle_alpha   90.00
_cell.angle_beta   102.03
_cell.angle_gamma   90.00
#
_symmetry.space_group_name_H-M   'P 1 21 1'
#
loop_
_entity.id
_entity.type
_entity.pdbx_description
1 polymer 'Mitogen-activated protein kinase kinase kinase kinase 1'
2 non-polymer 4-[2,6-bis(fluoranyl)-4-(3-morpholin-4-ylpropylcarbamoylamino)phenoxy]-~{N}-[(4-methyl-1,2,5-oxadiazol-3-yl)methyl]-1~{H}-pyrrolo[2,3-b]pyridine-3-carboxamide
#
_entity_poly.entity_id   1
_entity_poly.type   'polypeptide(L)'
_entity_poly.pdbx_seq_one_letter_code
;DIFNRDPRDHYDLLQRLGGGTYGEVFKARDKVSGDLVALKMVKMEPDDDVSTLQKEILILKTCRHANIVAYHGSYLWLQK
LWICMEFCGAGSLQDIYQVTGSLSELQISYVCREVLQGLAYLHSQKKIHRDIKGANILINDAGEVRLADFGISAQIGATL
ARRLSFIGTPYWMAPEVAAVALKGGYNELCDIWSLGITAIELAELQPPLFDVHPLRVLFLMTKSGYQPPRLKEKGKWSAA
FHNFIKVTLTKSPKKRPSATKMLSHQLVSQPGLNRGLILDLLDKLKNPG
;
_entity_poly.pdbx_strand_id   A,B
#
loop_
_chem_comp.id
_chem_comp.type
_chem_comp.name
_chem_comp.formula
XOH non-polymer 4-[2,6-bis(fluoranyl)-4-(3-morpholin-4-ylpropylcarbamoylamino)phenoxy]-~{N}-[(4-methyl-1,2,5-oxadiazol-3-yl)methyl]-1~{H}-pyrrolo[2,3-b]pyridine-3-carboxamide 'C26 H28 F2 N8 O5'
#
# COMPACT_ATOMS: atom_id res chain seq x y z
N ILE A 2 -22.06 -16.56 -9.66
CA ILE A 2 -22.28 -16.60 -8.18
C ILE A 2 -23.67 -17.23 -7.88
N PHE A 3 -23.81 -17.96 -6.75
CA PHE A 3 -25.11 -18.35 -6.11
C PHE A 3 -25.28 -17.58 -4.78
N ASN A 4 -26.50 -17.13 -4.44
CA ASN A 4 -26.82 -16.41 -3.17
C ASN A 4 -27.59 -17.33 -2.23
N ARG A 5 -26.93 -18.05 -1.33
CA ARG A 5 -27.61 -18.93 -0.33
C ARG A 5 -26.61 -19.31 0.77
N ASP A 6 -27.09 -19.88 1.88
CA ASP A 6 -26.28 -20.65 2.85
C ASP A 6 -25.65 -21.83 2.10
N PRO A 7 -24.30 -21.96 2.15
CA PRO A 7 -23.62 -23.11 1.58
C PRO A 7 -23.57 -24.30 2.54
N ARG A 8 -24.15 -24.15 3.74
CA ARG A 8 -24.27 -25.25 4.72
C ARG A 8 -25.32 -26.24 4.20
N ASP A 9 -26.20 -25.83 3.28
CA ASP A 9 -27.14 -26.71 2.56
C ASP A 9 -26.35 -27.69 1.67
N HIS A 10 -25.40 -27.15 0.91
CA HIS A 10 -24.64 -27.87 -0.15
C HIS A 10 -23.63 -28.81 0.51
N TYR A 11 -22.67 -28.26 1.26
CA TYR A 11 -21.52 -28.98 1.89
C TYR A 11 -21.71 -29.07 3.41
N ASP A 12 -21.10 -30.10 4.01
CA ASP A 12 -20.96 -30.28 5.48
C ASP A 12 -19.61 -29.69 5.87
N LEU A 13 -19.53 -28.81 6.87
CA LEU A 13 -18.25 -28.21 7.32
C LEU A 13 -17.54 -29.19 8.25
N LEU A 14 -16.43 -29.79 7.82
CA LEU A 14 -15.79 -30.89 8.57
C LEU A 14 -14.91 -30.29 9.67
N GLN A 15 -13.97 -29.41 9.34
CA GLN A 15 -13.02 -28.86 10.35
C GLN A 15 -12.30 -27.62 9.81
N ARG A 16 -11.85 -26.79 10.77
CA ARG A 16 -11.24 -25.46 10.56
C ARG A 16 -9.74 -25.63 10.40
N LEU A 17 -9.15 -25.03 9.36
CA LEU A 17 -7.75 -25.27 8.95
C LEU A 17 -6.85 -24.11 9.35
N GLY A 18 -7.27 -22.88 9.06
CA GLY A 18 -6.50 -21.66 9.42
C GLY A 18 -7.34 -20.41 9.41
N GLY A 19 -6.88 -19.38 10.13
CA GLY A 19 -7.44 -18.01 10.13
C GLY A 19 -6.75 -17.11 9.10
N GLY A 20 -7.13 -15.84 9.08
CA GLY A 20 -6.70 -14.83 8.08
C GLY A 20 -7.61 -13.62 8.05
N GLY A 23 -10.27 -14.40 4.82
CA GLY A 23 -10.69 -14.83 6.16
C GLY A 23 -10.35 -16.29 6.43
N GLU A 24 -11.26 -17.02 7.12
CA GLU A 24 -11.07 -18.41 7.68
C GLU A 24 -11.22 -19.49 6.59
N VAL A 25 -10.56 -20.62 6.76
CA VAL A 25 -10.63 -21.77 5.80
C VAL A 25 -10.98 -23.05 6.56
N PHE A 26 -11.86 -23.83 5.95
CA PHE A 26 -12.55 -25.02 6.51
C PHE A 26 -12.41 -26.17 5.50
N LYS A 27 -12.11 -27.36 5.98
CA LYS A 27 -12.31 -28.59 5.17
C LYS A 27 -13.81 -28.88 5.14
N ALA A 28 -14.38 -29.11 3.95
CA ALA A 28 -15.80 -29.44 3.75
C ALA A 28 -15.94 -30.58 2.73
N ARG A 29 -17.12 -31.17 2.66
CA ARG A 29 -17.48 -32.26 1.70
C ARG A 29 -18.77 -31.88 0.97
N ASP A 30 -18.81 -32.09 -0.36
CA ASP A 30 -19.95 -31.71 -1.25
C ASP A 30 -21.16 -32.60 -0.99
N SER A 33 -22.30 -35.61 -4.10
CA SER A 33 -20.93 -35.70 -4.67
C SER A 33 -19.98 -36.36 -3.67
N GLY A 34 -20.03 -35.96 -2.39
CA GLY A 34 -19.23 -36.52 -1.30
C GLY A 34 -17.77 -36.08 -1.34
N ASP A 35 -17.31 -35.45 -2.42
CA ASP A 35 -15.88 -35.06 -2.62
C ASP A 35 -15.49 -33.88 -1.72
N LEU A 36 -14.20 -33.84 -1.35
CA LEU A 36 -13.62 -32.90 -0.34
C LEU A 36 -13.26 -31.56 -0.99
N VAL A 37 -13.83 -30.49 -0.45
CA VAL A 37 -13.49 -29.09 -0.86
C VAL A 37 -12.95 -28.31 0.34
N ALA A 38 -12.32 -27.17 0.06
CA ALA A 38 -11.95 -26.15 1.07
C ALA A 38 -12.82 -24.91 0.86
N LEU A 39 -13.37 -24.39 1.95
CA LEU A 39 -14.26 -23.21 1.93
C LEU A 39 -13.54 -22.03 2.56
N LYS A 40 -13.02 -21.09 1.76
CA LYS A 40 -12.50 -19.79 2.27
C LYS A 40 -13.70 -18.89 2.60
N MET A 41 -13.89 -18.61 3.89
CA MET A 41 -14.95 -17.71 4.43
C MET A 41 -14.37 -16.30 4.55
N VAL A 42 -15.16 -15.27 4.31
CA VAL A 42 -14.68 -13.86 4.36
C VAL A 42 -15.73 -12.95 4.99
N LYS A 43 -15.45 -12.39 6.18
CA LYS A 43 -16.33 -11.40 6.88
C LYS A 43 -16.24 -10.05 6.17
N MET A 44 -17.35 -9.56 5.61
CA MET A 44 -17.39 -8.21 4.97
C MET A 44 -18.15 -7.24 5.87
N GLU A 45 -17.65 -6.01 5.91
CA GLU A 45 -18.03 -4.97 6.91
C GLU A 45 -19.23 -4.22 6.33
N PRO A 46 -19.79 -3.21 7.06
CA PRO A 46 -20.80 -2.30 6.50
C PRO A 46 -20.38 -1.41 5.31
N ASP A 47 -19.07 -1.21 5.09
CA ASP A 47 -18.50 -0.36 4.01
C ASP A 47 -18.29 -1.17 2.72
N ASP A 48 -18.23 -2.50 2.83
CA ASP A 48 -17.78 -3.39 1.72
C ASP A 48 -18.91 -3.54 0.70
N ASP A 49 -18.54 -3.39 -0.57
CA ASP A 49 -19.46 -3.46 -1.73
C ASP A 49 -19.11 -4.73 -2.51
N VAL A 50 -20.13 -5.51 -2.85
CA VAL A 50 -19.95 -6.86 -3.43
C VAL A 50 -19.67 -6.73 -4.92
N SER A 51 -20.17 -5.65 -5.52
CA SER A 51 -20.03 -5.31 -6.95
C SER A 51 -18.58 -5.43 -7.44
N THR A 52 -17.57 -5.09 -6.62
CA THR A 52 -16.13 -5.10 -7.04
C THR A 52 -15.52 -6.49 -6.87
N LEU A 53 -15.84 -7.21 -5.80
CA LEU A 53 -15.26 -8.56 -5.54
C LEU A 53 -15.71 -9.51 -6.64
N GLN A 54 -16.83 -9.24 -7.33
CA GLN A 54 -17.41 -10.14 -8.37
C GLN A 54 -16.60 -10.02 -9.67
N LYS A 55 -15.79 -8.96 -9.84
CA LYS A 55 -14.86 -8.78 -11.01
C LYS A 55 -13.56 -9.56 -10.76
N GLU A 56 -13.21 -9.79 -9.50
CA GLU A 56 -12.02 -10.57 -9.04
C GLU A 56 -12.46 -12.06 -9.03
N ILE A 57 -13.72 -12.33 -8.70
CA ILE A 57 -14.34 -13.69 -8.74
C ILE A 57 -14.40 -14.20 -10.19
N LEU A 58 -14.71 -13.33 -11.15
CA LEU A 58 -14.68 -13.72 -12.60
C LEU A 58 -13.31 -14.33 -12.94
N ILE A 59 -12.24 -13.59 -12.66
CA ILE A 59 -10.80 -13.88 -12.95
C ILE A 59 -10.42 -15.29 -12.40
N LEU A 60 -11.13 -15.74 -11.35
CA LEU A 60 -10.90 -17.02 -10.63
C LEU A 60 -11.63 -18.20 -11.32
N LYS A 61 -12.76 -17.97 -12.01
CA LYS A 61 -13.58 -19.02 -12.70
C LYS A 61 -12.97 -19.43 -14.05
N THR A 62 -12.30 -18.50 -14.74
CA THR A 62 -11.50 -18.72 -15.98
C THR A 62 -10.02 -19.01 -15.66
N CYS A 63 -9.71 -19.49 -14.45
CA CYS A 63 -8.41 -20.13 -14.09
C CYS A 63 -8.59 -21.65 -14.03
N ARG A 64 -8.45 -22.33 -15.15
CA ARG A 64 -8.38 -23.81 -15.20
C ARG A 64 -6.92 -24.22 -15.42
N HIS A 65 -6.27 -24.84 -14.43
CA HIS A 65 -4.92 -25.46 -14.55
C HIS A 65 -4.65 -26.38 -13.36
N ALA A 66 -4.07 -27.53 -13.64
CA ALA A 66 -3.83 -28.55 -12.62
C ALA A 66 -2.87 -27.95 -11.58
N ASN A 67 -1.95 -27.06 -12.00
CA ASN A 67 -0.98 -26.42 -11.08
C ASN A 67 -1.60 -25.19 -10.38
N ILE A 68 -2.92 -24.99 -10.53
CA ILE A 68 -3.69 -23.88 -9.89
C ILE A 68 -4.80 -24.49 -9.06
N VAL A 69 -4.87 -24.07 -7.80
CA VAL A 69 -5.98 -24.37 -6.85
C VAL A 69 -7.26 -23.99 -7.60
N ALA A 70 -8.06 -24.98 -8.00
CA ALA A 70 -9.21 -24.78 -8.89
C ALA A 70 -10.35 -24.20 -8.08
N TYR A 71 -11.01 -23.17 -8.63
CA TYR A 71 -12.19 -22.46 -8.08
C TYR A 71 -13.46 -23.14 -8.59
N HIS A 72 -14.37 -23.49 -7.68
CA HIS A 72 -15.54 -24.36 -7.96
C HIS A 72 -16.86 -23.56 -7.99
N GLY A 73 -16.93 -22.35 -7.44
CA GLY A 73 -18.14 -21.50 -7.36
C GLY A 73 -18.29 -20.83 -5.99
N SER A 74 -18.68 -19.54 -5.97
CA SER A 74 -18.80 -18.72 -4.73
C SER A 74 -20.26 -18.58 -4.28
N TYR A 75 -20.44 -18.13 -3.03
CA TYR A 75 -21.73 -18.02 -2.31
C TYR A 75 -21.74 -16.80 -1.38
N LEU A 76 -22.75 -15.94 -1.54
CA LEU A 76 -23.05 -14.78 -0.63
C LEU A 76 -24.14 -15.24 0.35
N TRP A 77 -24.00 -14.96 1.66
CA TRP A 77 -24.97 -15.37 2.70
C TRP A 77 -24.76 -14.59 4.00
N LEU A 78 -25.82 -13.93 4.47
CA LEU A 78 -25.89 -13.15 5.75
C LEU A 78 -24.54 -12.48 6.04
N GLN A 79 -24.13 -11.52 5.20
CA GLN A 79 -22.93 -10.66 5.41
C GLN A 79 -21.65 -11.52 5.46
N LYS A 80 -21.60 -12.57 4.64
CA LYS A 80 -20.44 -13.50 4.58
C LYS A 80 -20.31 -14.05 3.15
N LEU A 81 -19.07 -14.12 2.67
CA LEU A 81 -18.72 -14.59 1.32
C LEU A 81 -17.84 -15.83 1.45
N TRP A 82 -18.32 -16.93 0.89
CA TRP A 82 -17.71 -18.27 0.92
C TRP A 82 -17.24 -18.66 -0.50
N ILE A 83 -15.96 -19.02 -0.64
CA ILE A 83 -15.33 -19.52 -1.90
C ILE A 83 -15.04 -21.01 -1.75
N CYS A 84 -15.63 -21.83 -2.61
CA CYS A 84 -15.39 -23.29 -2.70
C CYS A 84 -14.19 -23.57 -3.61
N MET A 85 -13.37 -24.58 -3.28
CA MET A 85 -11.97 -24.70 -3.74
C MET A 85 -11.38 -26.11 -3.60
N GLU A 86 -10.54 -26.49 -4.57
CA GLU A 86 -9.63 -27.68 -4.51
C GLU A 86 -9.10 -27.81 -3.08
N PHE A 87 -9.16 -29.02 -2.51
CA PHE A 87 -8.57 -29.38 -1.19
C PHE A 87 -7.19 -29.99 -1.42
N CYS A 88 -6.17 -29.40 -0.77
CA CYS A 88 -4.77 -29.92 -0.71
C CYS A 88 -4.45 -30.21 0.75
N GLY A 89 -4.54 -31.47 1.17
CA GLY A 89 -4.68 -31.88 2.58
C GLY A 89 -3.35 -31.92 3.37
N ALA A 90 -2.20 -31.61 2.76
CA ALA A 90 -0.90 -31.49 3.48
C ALA A 90 -0.61 -30.04 3.84
N GLY A 91 -1.51 -29.12 3.46
CA GLY A 91 -1.33 -27.68 3.63
C GLY A 91 -0.29 -27.18 2.63
N SER A 92 0.43 -26.11 3.03
CA SER A 92 1.48 -25.39 2.26
C SER A 92 2.88 -25.97 2.52
N LEU A 93 3.81 -25.67 1.62
CA LEU A 93 5.21 -26.09 1.71
C LEU A 93 5.78 -25.58 3.03
N GLN A 94 5.30 -24.41 3.47
CA GLN A 94 5.90 -23.73 4.64
C GLN A 94 5.45 -24.47 5.89
N ASP A 95 4.22 -24.96 5.92
CA ASP A 95 3.82 -25.81 7.09
C ASP A 95 4.60 -27.14 7.02
N ILE A 96 5.14 -27.47 5.86
CA ILE A 96 5.80 -28.78 5.67
C ILE A 96 7.24 -28.62 6.15
N TYR A 97 8.02 -27.69 5.60
CA TYR A 97 9.44 -27.58 6.02
C TYR A 97 9.57 -27.20 7.49
N GLN A 98 8.65 -26.42 8.04
CA GLN A 98 8.55 -26.11 9.50
C GLN A 98 8.44 -27.39 10.34
N VAL A 99 8.25 -28.55 9.75
CA VAL A 99 8.22 -29.85 10.47
C VAL A 99 9.39 -30.70 9.95
N THR A 100 9.49 -30.85 8.63
CA THR A 100 10.41 -31.79 7.96
C THR A 100 11.85 -31.28 7.89
N GLY A 101 12.12 -30.04 8.31
CA GLY A 101 13.35 -29.35 7.89
C GLY A 101 13.35 -29.02 6.39
N SER A 102 14.53 -28.70 5.86
CA SER A 102 14.81 -28.14 4.50
C SER A 102 14.44 -29.17 3.44
N LEU A 103 14.20 -28.73 2.22
CA LEU A 103 13.86 -29.66 1.10
C LEU A 103 15.16 -30.00 0.37
N SER A 104 15.23 -31.17 -0.25
CA SER A 104 16.38 -31.52 -1.12
C SER A 104 16.32 -30.69 -2.41
N GLU A 105 17.47 -30.51 -3.05
CA GLU A 105 17.60 -29.86 -4.36
C GLU A 105 16.56 -30.46 -5.29
N LEU A 106 16.44 -31.80 -5.38
CA LEU A 106 15.50 -32.52 -6.32
C LEU A 106 14.04 -32.22 -5.96
N GLN A 107 13.63 -32.40 -4.72
CA GLN A 107 12.30 -31.97 -4.24
C GLN A 107 12.05 -30.51 -4.66
N ILE A 108 12.93 -29.60 -4.26
CA ILE A 108 12.80 -28.14 -4.57
C ILE A 108 12.66 -28.00 -6.08
N SER A 109 13.36 -28.82 -6.87
CA SER A 109 13.37 -28.69 -8.36
C SER A 109 11.99 -29.06 -8.93
N TYR A 110 11.29 -30.04 -8.35
CA TYR A 110 10.02 -30.48 -8.97
C TYR A 110 9.00 -29.40 -8.61
N VAL A 111 9.04 -28.92 -7.35
CA VAL A 111 8.18 -27.77 -6.89
C VAL A 111 8.35 -26.60 -7.85
N CYS A 112 9.59 -26.25 -8.20
CA CYS A 112 9.87 -25.10 -9.08
C CYS A 112 9.32 -25.35 -10.47
N ARG A 113 9.43 -26.56 -11.02
CA ARG A 113 8.87 -26.85 -12.38
C ARG A 113 7.34 -26.71 -12.37
N GLU A 114 6.70 -27.00 -11.24
CA GLU A 114 5.23 -27.05 -11.12
C GLU A 114 4.69 -25.62 -11.11
N VAL A 115 5.26 -24.82 -10.21
CA VAL A 115 4.99 -23.38 -10.06
C VAL A 115 5.14 -22.77 -11.45
N LEU A 116 6.24 -23.06 -12.12
CA LEU A 116 6.49 -22.41 -13.42
C LEU A 116 5.33 -22.76 -14.34
N GLN A 117 4.93 -24.05 -14.38
CA GLN A 117 3.76 -24.56 -15.13
C GLN A 117 2.52 -23.69 -14.85
N GLY A 118 2.16 -23.48 -13.59
CA GLY A 118 1.01 -22.59 -13.25
C GLY A 118 1.20 -21.14 -13.69
N LEU A 119 2.33 -20.54 -13.32
CA LEU A 119 2.78 -19.20 -13.75
C LEU A 119 2.60 -19.01 -15.26
N ALA A 120 3.25 -19.86 -16.04
CA ALA A 120 3.24 -19.75 -17.51
C ALA A 120 1.78 -19.62 -17.98
N TYR A 121 0.86 -20.34 -17.34
CA TYR A 121 -0.57 -20.37 -17.73
C TYR A 121 -1.21 -19.05 -17.31
N LEU A 122 -0.99 -18.64 -16.05
CA LEU A 122 -1.39 -17.29 -15.54
C LEU A 122 -0.87 -16.20 -16.49
N HIS A 123 0.44 -16.08 -16.70
CA HIS A 123 1.00 -15.09 -17.66
C HIS A 123 0.36 -15.26 -19.05
N SER A 124 0.10 -16.48 -19.51
CA SER A 124 -0.71 -16.85 -20.72
C SER A 124 -2.00 -16.05 -20.77
N GLN A 125 -2.73 -16.07 -19.66
CA GLN A 125 -4.00 -15.35 -19.41
C GLN A 125 -3.71 -13.86 -19.07
N LYS A 126 -2.45 -13.40 -19.18
CA LYS A 126 -2.03 -12.01 -18.83
C LYS A 126 -2.55 -11.67 -17.43
N LYS A 127 -2.39 -12.59 -16.47
CA LYS A 127 -2.56 -12.33 -15.02
C LYS A 127 -1.16 -12.33 -14.36
N ILE A 128 -1.09 -12.06 -13.06
CA ILE A 128 0.15 -12.04 -12.22
C ILE A 128 -0.24 -12.56 -10.83
N HIS A 129 0.56 -13.44 -10.25
CA HIS A 129 0.22 -14.10 -8.96
C HIS A 129 0.33 -13.03 -7.88
N ARG A 130 1.48 -12.33 -7.88
CA ARG A 130 1.84 -11.16 -7.04
C ARG A 130 2.40 -11.58 -5.68
N ASP A 131 2.37 -12.85 -5.31
CA ASP A 131 2.58 -13.30 -3.91
C ASP A 131 3.11 -14.76 -3.91
N ILE A 132 4.09 -15.07 -4.78
CA ILE A 132 4.71 -16.42 -4.79
C ILE A 132 5.56 -16.57 -3.52
N LYS A 133 5.23 -17.55 -2.67
CA LYS A 133 6.08 -17.95 -1.52
C LYS A 133 5.66 -19.32 -1.00
N GLY A 134 6.50 -19.96 -0.22
CA GLY A 134 6.21 -21.24 0.47
C GLY A 134 4.79 -21.31 1.02
N ALA A 135 4.24 -20.23 1.60
CA ALA A 135 2.94 -20.25 2.31
C ALA A 135 1.77 -20.35 1.32
N ASN A 136 2.03 -20.10 0.04
CA ASN A 136 0.97 -20.04 -0.98
C ASN A 136 1.23 -21.16 -1.99
N ILE A 137 2.04 -22.16 -1.64
CA ILE A 137 2.19 -23.38 -2.50
C ILE A 137 1.63 -24.57 -1.73
N LEU A 138 0.56 -25.16 -2.28
CA LEU A 138 -0.26 -26.19 -1.58
C LEU A 138 0.10 -27.57 -2.15
N ILE A 139 0.02 -28.57 -1.28
CA ILE A 139 0.43 -29.98 -1.51
C ILE A 139 -0.75 -30.89 -1.17
N ASN A 140 -1.34 -31.57 -2.16
CA ASN A 140 -2.39 -32.61 -1.87
C ASN A 140 -1.72 -33.89 -1.37
N ASP A 141 -2.56 -34.79 -0.85
CA ASP A 141 -2.20 -36.12 -0.29
C ASP A 141 -1.54 -37.00 -1.39
N ALA A 142 -1.52 -36.55 -2.65
CA ALA A 142 -0.84 -37.16 -3.81
C ALA A 142 0.51 -36.48 -4.08
N GLY A 143 0.89 -35.48 -3.29
CA GLY A 143 2.19 -34.77 -3.43
C GLY A 143 2.29 -33.97 -4.73
N GLU A 144 1.14 -33.51 -5.23
CA GLU A 144 1.03 -32.53 -6.36
C GLU A 144 1.01 -31.12 -5.75
N VAL A 145 1.35 -30.15 -6.59
CA VAL A 145 1.65 -28.73 -6.22
C VAL A 145 0.62 -27.81 -6.88
N ARG A 146 0.12 -26.81 -6.14
CA ARG A 146 -1.04 -25.92 -6.44
C ARG A 146 -0.71 -24.50 -5.87
N LEU A 147 -0.48 -23.48 -6.71
CA LEU A 147 -0.40 -22.06 -6.28
C LEU A 147 -1.77 -21.68 -5.73
N ALA A 148 -1.80 -21.16 -4.52
CA ALA A 148 -3.06 -20.71 -3.92
C ALA A 148 -3.10 -19.19 -4.04
N ASP A 149 -4.25 -18.64 -3.67
CA ASP A 149 -4.59 -17.20 -3.72
C ASP A 149 -4.99 -16.78 -2.31
N PHE A 150 -4.00 -16.32 -1.54
CA PHE A 150 -4.20 -15.49 -0.31
C PHE A 150 -4.54 -14.06 -0.80
N GLY A 151 -3.79 -13.55 -1.79
CA GLY A 151 -4.07 -12.26 -2.48
C GLY A 151 -5.40 -12.28 -3.21
N ILE A 152 -5.44 -11.73 -4.44
CA ILE A 152 -6.71 -11.53 -5.22
C ILE A 152 -7.63 -12.77 -5.00
N SER A 153 -8.55 -12.66 -4.04
CA SER A 153 -9.58 -13.67 -3.71
C SER A 153 -10.80 -12.99 -3.06
N THR A 169 -7.16 6.74 1.04
CA THR A 169 -7.81 8.02 0.61
C THR A 169 -7.53 8.25 -0.88
N PRO A 170 -8.31 7.59 -1.77
CA PRO A 170 -8.32 7.89 -3.22
C PRO A 170 -8.93 9.19 -3.80
N TYR A 171 -9.99 9.74 -3.21
CA TYR A 171 -10.69 10.97 -3.69
C TYR A 171 -9.67 12.03 -4.18
N TRP A 172 -8.67 12.27 -3.34
CA TRP A 172 -7.66 13.33 -3.60
C TRP A 172 -6.50 12.83 -4.51
N MET A 173 -6.29 11.50 -4.63
CA MET A 173 -5.21 10.95 -5.49
C MET A 173 -5.44 11.27 -6.96
N ALA A 174 -4.40 11.70 -7.68
CA ALA A 174 -4.36 11.88 -9.15
C ALA A 174 -4.32 10.56 -9.92
N PRO A 175 -4.72 10.55 -11.22
CA PRO A 175 -4.85 9.31 -11.99
C PRO A 175 -3.61 8.38 -12.00
N GLU A 176 -2.41 8.97 -12.10
CA GLU A 176 -1.10 8.26 -12.14
C GLU A 176 -0.86 7.55 -10.79
N VAL A 177 -1.14 8.20 -9.68
CA VAL A 177 -0.98 7.65 -8.30
C VAL A 177 -1.99 6.54 -8.17
N ALA A 178 -3.21 6.77 -8.68
CA ALA A 178 -4.38 5.87 -8.62
C ALA A 178 -4.05 4.55 -9.31
N ALA A 179 -3.59 4.63 -10.56
CA ALA A 179 -3.23 3.50 -11.43
C ALA A 179 -2.22 2.63 -10.68
N VAL A 180 -1.05 3.22 -10.46
CA VAL A 180 0.07 2.62 -9.71
C VAL A 180 -0.45 2.02 -8.38
N ALA A 181 -1.45 2.64 -7.77
CA ALA A 181 -2.03 2.18 -6.48
C ALA A 181 -2.89 0.92 -6.68
N LEU A 182 -3.44 0.60 -7.84
CA LEU A 182 -4.08 -0.76 -7.99
C LEU A 182 -3.00 -1.74 -8.45
N LYS A 183 -2.40 -1.42 -9.59
CA LYS A 183 -1.42 -2.25 -10.32
C LYS A 183 -0.13 -2.52 -9.54
N GLY A 184 0.25 -1.76 -8.53
CA GLY A 184 1.68 -1.70 -8.13
C GLY A 184 2.52 -1.43 -9.37
N GLY A 185 3.81 -1.77 -9.36
CA GLY A 185 4.65 -1.85 -10.58
C GLY A 185 4.89 -3.30 -10.96
N TYR A 186 4.30 -4.20 -10.19
CA TYR A 186 4.13 -5.60 -10.59
C TYR A 186 4.16 -5.68 -12.13
N ASN A 187 5.09 -6.50 -12.61
CA ASN A 187 5.22 -7.00 -14.00
C ASN A 187 5.18 -8.52 -13.86
N GLU A 188 4.56 -9.26 -14.78
CA GLU A 188 4.48 -10.75 -14.73
C GLU A 188 5.83 -11.36 -14.34
N LEU A 189 6.93 -10.68 -14.63
CA LEU A 189 8.29 -11.19 -14.38
C LEU A 189 8.62 -11.15 -12.89
N CYS A 190 7.96 -10.31 -12.11
CA CYS A 190 8.25 -10.23 -10.66
C CYS A 190 7.84 -11.56 -10.02
N ASP A 191 6.91 -12.28 -10.65
CA ASP A 191 6.52 -13.66 -10.26
C ASP A 191 7.74 -14.61 -10.33
N ILE A 192 8.53 -14.53 -11.40
CA ILE A 192 9.78 -15.30 -11.58
C ILE A 192 10.71 -15.03 -10.40
N TRP A 193 11.23 -13.79 -10.31
CA TRP A 193 12.03 -13.31 -9.16
C TRP A 193 11.51 -13.99 -7.89
N SER A 194 10.26 -13.76 -7.53
CA SER A 194 9.68 -14.33 -6.29
C SER A 194 9.94 -15.83 -6.22
N LEU A 195 9.94 -16.53 -7.35
CA LEU A 195 10.08 -18.00 -7.29
C LEU A 195 11.52 -18.27 -6.82
N GLY A 196 12.52 -17.77 -7.53
CA GLY A 196 13.90 -17.62 -7.02
C GLY A 196 13.96 -17.49 -5.51
N ILE A 197 13.26 -16.53 -4.93
CA ILE A 197 13.34 -16.33 -3.45
C ILE A 197 12.73 -17.56 -2.76
N THR A 198 11.62 -18.06 -3.29
CA THR A 198 10.90 -19.23 -2.75
C THR A 198 11.83 -20.44 -2.75
N ALA A 199 12.67 -20.57 -3.74
CA ALA A 199 13.55 -21.75 -3.82
C ALA A 199 14.54 -21.69 -2.66
N ILE A 200 15.15 -20.51 -2.48
CA ILE A 200 16.07 -20.24 -1.35
C ILE A 200 15.27 -20.48 -0.10
N GLU A 201 14.10 -19.87 0.00
CA GLU A 201 13.26 -20.10 1.20
C GLU A 201 13.23 -21.62 1.46
N LEU A 202 12.96 -22.44 0.46
CA LEU A 202 12.71 -23.89 0.66
C LEU A 202 14.01 -24.60 1.00
N ALA A 203 15.10 -24.20 0.35
CA ALA A 203 16.47 -24.66 0.67
C ALA A 203 16.85 -24.39 2.13
N GLU A 204 16.62 -23.18 2.67
CA GLU A 204 17.35 -22.69 3.89
C GLU A 204 16.41 -22.33 5.06
N LEU A 205 15.08 -22.43 4.92
CA LEU A 205 14.01 -22.33 5.98
C LEU A 205 13.48 -20.90 6.13
N GLN A 206 13.97 -20.00 5.30
CA GLN A 206 13.81 -18.52 5.47
C GLN A 206 14.29 -17.90 4.15
N PRO A 207 13.64 -16.82 3.68
CA PRO A 207 14.17 -16.11 2.51
C PRO A 207 15.28 -15.16 2.97
N PRO A 208 16.11 -14.64 2.04
CA PRO A 208 17.04 -13.58 2.39
C PRO A 208 16.37 -12.53 3.30
N LEU A 209 17.10 -12.15 4.36
CA LEU A 209 16.88 -10.91 5.14
C LEU A 209 15.61 -11.03 6.01
N PHE A 210 15.22 -12.25 6.39
CA PHE A 210 14.04 -12.44 7.29
C PHE A 210 14.37 -11.91 8.70
N ASP A 211 15.63 -11.62 9.00
CA ASP A 211 16.06 -11.20 10.37
C ASP A 211 16.42 -9.69 10.37
N VAL A 212 16.13 -9.08 9.21
CA VAL A 212 16.18 -7.66 8.81
C VAL A 212 14.73 -7.20 8.68
N HIS A 213 14.29 -6.33 9.59
CA HIS A 213 13.18 -5.35 9.47
C HIS A 213 12.80 -5.07 8.01
N PRO A 214 11.50 -5.09 7.65
CA PRO A 214 11.07 -5.11 6.25
C PRO A 214 11.25 -3.81 5.43
N LEU A 215 11.09 -2.67 6.09
CA LEU A 215 11.34 -1.33 5.48
C LEU A 215 12.80 -1.28 4.97
N ARG A 216 13.77 -1.55 5.84
CA ARG A 216 15.22 -1.51 5.51
C ARG A 216 15.45 -2.31 4.23
N VAL A 217 14.89 -3.53 4.21
CA VAL A 217 15.00 -4.49 3.07
C VAL A 217 14.41 -3.83 1.83
N LEU A 218 13.26 -3.14 1.96
CA LEU A 218 12.69 -2.42 0.80
C LEU A 218 13.67 -1.35 0.33
N PHE A 219 14.23 -0.50 1.24
CA PHE A 219 15.26 0.53 0.92
C PHE A 219 16.48 -0.13 0.27
N LEU A 220 17.04 -1.15 0.94
CA LEU A 220 18.29 -1.85 0.50
C LEU A 220 18.17 -2.21 -0.98
N MET A 221 17.00 -2.73 -1.39
CA MET A 221 16.68 -3.25 -2.74
C MET A 221 16.77 -2.20 -3.86
N THR A 222 16.59 -0.92 -3.53
CA THR A 222 16.51 0.22 -4.48
C THR A 222 17.88 0.94 -4.64
N LYS A 223 18.89 0.68 -3.83
CA LYS A 223 20.18 1.40 -4.08
C LYS A 223 20.75 0.91 -5.42
N SER A 224 21.46 1.78 -6.13
CA SER A 224 22.25 1.42 -7.34
C SER A 224 23.58 0.82 -6.86
N GLY A 225 23.60 -0.50 -6.68
CA GLY A 225 24.61 -1.25 -5.89
C GLY A 225 24.05 -2.60 -5.46
N TYR A 226 22.78 -2.65 -5.07
CA TYR A 226 22.11 -3.88 -4.59
C TYR A 226 22.49 -5.06 -5.50
N GLN A 227 23.20 -6.02 -4.92
CA GLN A 227 23.51 -7.35 -5.49
C GLN A 227 22.35 -8.29 -5.17
N PRO A 228 21.75 -8.99 -6.17
CA PRO A 228 20.73 -10.00 -5.91
C PRO A 228 21.29 -11.10 -5.03
N PRO A 229 20.45 -11.74 -4.20
CA PRO A 229 20.91 -12.69 -3.21
C PRO A 229 21.08 -14.12 -3.78
N ARG A 230 21.43 -15.07 -2.89
CA ARG A 230 22.07 -16.37 -3.23
C ARG A 230 22.06 -17.33 -2.03
N LEU A 231 22.26 -18.60 -2.34
CA LEU A 231 22.35 -19.68 -1.33
C LEU A 231 23.65 -19.45 -0.52
N LYS A 232 23.59 -19.69 0.79
CA LYS A 232 24.69 -19.51 1.77
C LYS A 232 25.78 -20.52 1.49
N GLU A 233 25.38 -21.79 1.52
CA GLU A 233 26.22 -22.98 1.20
C GLU A 233 26.30 -23.03 -0.33
N LYS A 234 27.42 -23.50 -0.83
CA LYS A 234 27.86 -23.44 -2.25
C LYS A 234 28.07 -24.90 -2.67
N GLY A 235 28.80 -25.67 -1.85
CA GLY A 235 29.10 -27.09 -2.07
C GLY A 235 27.82 -27.89 -2.17
N LYS A 236 26.96 -27.74 -1.16
CA LYS A 236 25.64 -28.42 -0.97
C LYS A 236 24.70 -28.34 -2.21
N TRP A 237 24.88 -27.41 -3.13
CA TRP A 237 23.91 -27.33 -4.26
C TRP A 237 24.67 -27.41 -5.58
N SER A 238 24.05 -28.09 -6.55
CA SER A 238 24.52 -28.24 -7.94
C SER A 238 24.81 -26.85 -8.52
N ALA A 239 25.59 -26.78 -9.59
CA ALA A 239 25.79 -25.57 -10.39
C ALA A 239 24.45 -25.18 -11.04
N ALA A 240 23.60 -26.14 -11.42
CA ALA A 240 22.31 -25.83 -12.09
C ALA A 240 21.41 -25.09 -11.09
N PHE A 241 21.33 -25.50 -9.83
CA PHE A 241 20.50 -24.80 -8.82
C PHE A 241 21.00 -23.36 -8.68
N HIS A 242 22.32 -23.20 -8.55
CA HIS A 242 22.98 -21.88 -8.48
C HIS A 242 22.56 -21.02 -9.68
N ASN A 243 22.58 -21.58 -10.90
CA ASN A 243 22.26 -20.80 -12.12
C ASN A 243 20.80 -20.38 -12.05
N PHE A 244 19.90 -21.35 -11.79
CA PHE A 244 18.45 -21.12 -11.58
C PHE A 244 18.26 -19.84 -10.77
N ILE A 245 18.78 -19.80 -9.54
CA ILE A 245 18.75 -18.61 -8.62
C ILE A 245 19.38 -17.39 -9.30
N LYS A 246 20.55 -17.50 -9.93
CA LYS A 246 21.25 -16.32 -10.47
C LYS A 246 20.36 -15.67 -11.53
N VAL A 247 19.65 -16.50 -12.28
CA VAL A 247 18.96 -16.13 -13.55
C VAL A 247 17.54 -15.65 -13.23
N THR A 248 16.84 -16.29 -12.30
CA THR A 248 15.51 -15.87 -11.80
C THR A 248 15.63 -14.52 -11.06
N LEU A 249 16.60 -14.39 -10.17
CA LEU A 249 16.86 -13.15 -9.40
C LEU A 249 17.72 -12.18 -10.23
N THR A 250 17.41 -11.90 -11.52
CA THR A 250 18.11 -10.78 -12.20
C THR A 250 17.47 -9.49 -11.66
N LYS A 251 18.27 -8.43 -11.45
CA LYS A 251 17.71 -7.15 -10.95
C LYS A 251 16.78 -6.57 -12.02
N SER A 252 17.20 -6.56 -13.29
CA SER A 252 16.52 -5.87 -14.42
C SER A 252 15.35 -6.68 -14.98
N PRO A 253 14.09 -6.19 -14.94
CA PRO A 253 12.94 -6.97 -15.44
C PRO A 253 12.95 -7.16 -16.97
N LYS A 254 13.59 -6.23 -17.69
CA LYS A 254 13.82 -6.35 -19.16
C LYS A 254 14.54 -7.68 -19.45
N LYS A 255 15.49 -8.07 -18.58
CA LYS A 255 16.45 -9.20 -18.81
C LYS A 255 16.04 -10.46 -18.02
N ARG A 256 14.99 -10.44 -17.21
CA ARG A 256 14.61 -11.62 -16.38
C ARG A 256 13.87 -12.58 -17.28
N PRO A 257 14.22 -13.87 -17.31
CA PRO A 257 13.54 -14.82 -18.20
C PRO A 257 12.06 -15.05 -17.87
N SER A 258 11.26 -15.25 -18.91
CA SER A 258 9.83 -15.64 -18.81
C SER A 258 9.74 -17.03 -18.20
N ALA A 259 8.57 -17.38 -17.72
CA ALA A 259 8.26 -18.71 -17.14
C ALA A 259 8.31 -19.78 -18.24
N THR A 260 7.88 -19.53 -19.47
CA THR A 260 8.09 -20.57 -20.50
C THR A 260 9.60 -20.71 -20.71
N LYS A 261 10.38 -19.61 -20.68
CA LYS A 261 11.85 -19.71 -20.86
C LYS A 261 12.48 -20.48 -19.70
N MET A 262 11.98 -20.27 -18.47
CA MET A 262 12.57 -20.90 -17.25
C MET A 262 12.27 -22.39 -17.25
N LEU A 263 11.17 -22.84 -17.89
CA LEU A 263 10.82 -24.28 -17.97
C LEU A 263 11.89 -25.04 -18.77
N SER A 264 12.64 -24.36 -19.66
CA SER A 264 13.85 -24.90 -20.37
C SER A 264 14.91 -25.20 -19.34
N HIS A 265 15.01 -24.38 -18.30
CA HIS A 265 16.21 -24.40 -17.44
C HIS A 265 16.48 -25.86 -17.04
N GLN A 266 17.76 -26.19 -16.87
CA GLN A 266 18.23 -27.56 -16.61
C GLN A 266 17.82 -28.02 -15.21
N LEU A 267 17.41 -27.11 -14.33
CA LEU A 267 17.08 -27.48 -12.95
C LEU A 267 15.71 -28.12 -12.94
N VAL A 268 14.85 -27.69 -13.86
CA VAL A 268 13.39 -28.03 -13.83
C VAL A 268 13.02 -28.98 -14.97
N SER A 269 13.90 -29.17 -15.96
CA SER A 269 13.67 -30.01 -17.17
C SER A 269 14.39 -31.36 -17.09
N GLN A 270 15.29 -31.55 -16.13
CA GLN A 270 16.03 -32.82 -15.92
C GLN A 270 15.04 -33.96 -15.68
N PRO A 271 15.40 -35.22 -15.99
CA PRO A 271 14.51 -36.35 -15.71
C PRO A 271 14.34 -36.51 -14.19
N GLY A 272 13.53 -37.46 -13.73
CA GLY A 272 13.42 -37.85 -12.31
C GLY A 272 12.40 -37.04 -11.53
N LEU A 273 11.91 -35.93 -12.09
CA LEU A 273 11.09 -34.96 -11.31
C LEU A 273 9.60 -35.30 -11.37
N ASN A 274 9.03 -35.69 -10.23
CA ASN A 274 7.68 -36.26 -10.15
C ASN A 274 7.26 -36.25 -8.67
N ARG A 275 5.97 -36.43 -8.44
CA ARG A 275 5.28 -36.29 -7.14
C ARG A 275 5.86 -37.22 -6.07
N GLY A 276 6.45 -38.35 -6.49
CA GLY A 276 7.27 -39.24 -5.65
C GLY A 276 8.21 -38.49 -4.74
N LEU A 277 9.02 -37.56 -5.26
CA LEU A 277 9.97 -36.76 -4.41
C LEU A 277 9.19 -36.17 -3.21
N ILE A 278 8.00 -35.60 -3.47
CA ILE A 278 7.19 -34.91 -2.44
C ILE A 278 6.47 -35.94 -1.54
N LEU A 279 5.95 -37.02 -2.14
CA LEU A 279 5.45 -38.19 -1.38
C LEU A 279 6.46 -38.56 -0.29
N ASP A 280 7.75 -38.64 -0.64
CA ASP A 280 8.87 -38.86 0.31
C ASP A 280 8.72 -37.86 1.45
N LEU A 281 8.65 -36.58 1.10
CA LEU A 281 8.54 -35.43 2.03
C LEU A 281 7.31 -35.58 2.94
N LEU A 282 6.19 -36.08 2.39
CA LEU A 282 4.93 -36.25 3.16
C LEU A 282 5.09 -37.41 4.17
N ASP A 283 5.82 -38.44 3.79
CA ASP A 283 6.19 -39.55 4.73
C ASP A 283 7.11 -38.94 5.80
N LYS A 284 8.13 -38.20 5.36
CA LYS A 284 9.13 -37.59 6.27
C LYS A 284 8.36 -36.80 7.33
N LEU A 285 7.26 -36.14 6.94
CA LEU A 285 6.32 -35.34 7.78
C LEU A 285 5.56 -36.22 8.79
N LYS A 286 5.13 -37.44 8.46
CA LYS A 286 4.56 -38.41 9.44
C LYS A 286 5.67 -38.93 10.38
N ASN A 287 6.67 -39.64 9.82
CA ASN A 287 7.70 -40.48 10.52
C ASN A 287 9.08 -39.83 10.49
N PRO A 288 9.38 -38.83 11.37
CA PRO A 288 10.74 -38.33 11.56
C PRO A 288 11.62 -39.30 12.37
N GLY A 289 12.78 -39.70 11.84
CA GLY A 289 13.69 -40.69 12.44
C GLY A 289 13.28 -42.11 12.10
N ASP B 1 19.15 15.93 14.23
CA ASP B 1 19.53 15.79 15.69
C ASP B 1 18.26 15.42 16.49
N ILE B 2 18.32 14.30 17.24
CA ILE B 2 17.25 13.80 18.18
C ILE B 2 17.78 13.92 19.63
N PHE B 3 16.88 14.15 20.61
CA PHE B 3 17.14 14.14 22.08
C PHE B 3 16.43 12.93 22.72
N ASN B 4 17.08 12.26 23.69
CA ASN B 4 16.63 10.96 24.29
C ASN B 4 16.15 11.19 25.73
N ARG B 5 15.04 11.89 25.94
CA ARG B 5 14.54 12.26 27.29
C ARG B 5 12.99 12.18 27.27
N ASP B 6 12.40 12.12 28.47
CA ASP B 6 10.98 12.50 28.73
C ASP B 6 10.83 13.97 28.35
N PRO B 7 9.89 14.31 27.44
CA PRO B 7 9.61 15.70 27.10
C PRO B 7 8.62 16.33 28.08
N ARG B 8 8.19 15.61 29.12
CA ARG B 8 7.24 16.13 30.12
C ARG B 8 7.97 17.16 30.99
N ASP B 9 9.29 17.00 31.17
CA ASP B 9 10.06 17.97 32.00
C ASP B 9 10.24 19.26 31.18
N HIS B 10 10.43 19.16 29.85
CA HIS B 10 10.55 20.31 28.91
C HIS B 10 9.21 21.08 28.85
N TYR B 11 8.15 20.46 28.31
CA TYR B 11 6.81 21.05 28.08
C TYR B 11 5.77 20.51 29.07
N ASP B 12 4.71 21.29 29.31
CA ASP B 12 3.49 20.87 30.06
C ASP B 12 2.47 20.42 29.02
N LEU B 13 1.83 19.27 29.19
CA LEU B 13 0.70 18.82 28.32
C LEU B 13 -0.56 19.57 28.69
N LEU B 14 -1.05 20.47 27.84
CA LEU B 14 -2.23 21.29 28.21
C LEU B 14 -3.50 20.48 27.90
N GLN B 15 -3.66 20.01 26.67
CA GLN B 15 -4.98 19.50 26.18
C GLN B 15 -4.77 18.53 25.02
N ARG B 16 -5.61 17.49 24.96
CA ARG B 16 -5.57 16.42 23.93
C ARG B 16 -6.48 16.83 22.77
N LEU B 17 -5.98 16.74 21.54
CA LEU B 17 -6.65 17.32 20.34
C LEU B 17 -7.31 16.22 19.50
N GLY B 18 -6.63 15.09 19.26
CA GLY B 18 -7.25 13.91 18.60
C GLY B 18 -6.21 12.92 18.11
N GLY B 19 -6.57 12.09 17.11
CA GLY B 19 -5.67 11.12 16.46
C GLY B 19 -6.45 10.05 15.70
N GLY B 23 -0.31 9.79 15.74
CA GLY B 23 -0.66 8.84 16.82
C GLY B 23 -1.73 9.40 17.73
N GLU B 24 -1.33 10.22 18.73
CA GLU B 24 -2.15 11.21 19.51
C GLU B 24 -1.48 12.59 19.43
N VAL B 25 -2.27 13.67 19.48
CA VAL B 25 -1.73 15.04 19.40
C VAL B 25 -2.29 15.87 20.56
N PHE B 26 -1.41 16.66 21.17
CA PHE B 26 -1.59 17.41 22.44
C PHE B 26 -1.16 18.86 22.22
N LYS B 27 -1.97 19.79 22.72
CA LYS B 27 -1.52 21.20 22.89
C LYS B 27 -0.57 21.23 24.09
N ALA B 28 0.61 21.82 23.93
CA ALA B 28 1.66 21.86 24.98
C ALA B 28 2.33 23.24 25.01
N ARG B 29 3.01 23.54 26.12
CA ARG B 29 3.70 24.81 26.41
C ARG B 29 5.19 24.53 26.71
N ASP B 30 6.12 25.15 25.96
CA ASP B 30 7.60 25.07 26.18
C ASP B 30 7.97 25.95 27.37
N LYS B 31 8.61 25.39 28.40
CA LYS B 31 8.92 26.09 29.68
C LYS B 31 10.07 27.10 29.50
N VAL B 32 10.92 26.91 28.47
CA VAL B 32 12.05 27.82 28.06
C VAL B 32 11.49 28.96 27.19
N SER B 33 10.75 28.65 26.11
CA SER B 33 10.06 29.61 25.20
C SER B 33 8.95 30.37 25.94
N GLY B 34 8.27 29.71 26.88
CA GLY B 34 6.92 30.06 27.37
C GLY B 34 5.90 30.05 26.24
N ASP B 35 6.13 29.24 25.19
CA ASP B 35 5.43 29.30 23.88
C ASP B 35 4.63 28.01 23.62
N LEU B 36 3.59 28.11 22.79
CA LEU B 36 2.62 27.03 22.47
C LEU B 36 3.16 26.14 21.35
N VAL B 37 3.30 24.86 21.64
CA VAL B 37 3.63 23.83 20.62
C VAL B 37 2.54 22.76 20.58
N ALA B 38 2.55 21.97 19.51
CA ALA B 38 1.78 20.71 19.40
C ALA B 38 2.75 19.53 19.46
N LEU B 39 2.43 18.52 20.27
CA LEU B 39 3.23 17.29 20.43
C LEU B 39 2.50 16.11 19.80
N LYS B 40 2.91 15.69 18.60
CA LYS B 40 2.43 14.41 18.00
C LYS B 40 3.16 13.27 18.71
N MET B 41 2.40 12.46 19.47
CA MET B 41 2.90 11.24 20.16
C MET B 41 2.70 10.04 19.24
N VAL B 42 3.61 9.07 19.25
CA VAL B 42 3.53 7.89 18.34
C VAL B 42 3.90 6.59 19.09
N LYS B 43 2.92 5.67 19.23
CA LYS B 43 3.09 4.35 19.92
C LYS B 43 3.94 3.41 19.05
N MET B 44 5.09 2.98 19.57
CA MET B 44 6.05 2.06 18.89
C MET B 44 5.83 0.63 19.39
N GLU B 45 5.77 -0.32 18.46
CA GLU B 45 5.45 -1.74 18.72
C GLU B 45 6.75 -2.48 19.06
N PRO B 46 6.70 -3.78 19.42
CA PRO B 46 7.90 -4.61 19.64
C PRO B 46 8.86 -4.79 18.44
N ASP B 47 8.31 -4.69 17.24
CA ASP B 47 8.94 -5.00 15.93
C ASP B 47 9.48 -3.70 15.33
N ASP B 48 9.05 -2.52 15.79
CA ASP B 48 9.36 -1.21 15.16
C ASP B 48 10.80 -0.83 15.49
N ASP B 49 11.54 -0.44 14.45
CA ASP B 49 12.95 0.01 14.61
C ASP B 49 12.99 1.52 14.35
N VAL B 50 13.55 2.26 15.30
CA VAL B 50 13.50 3.73 15.27
C VAL B 50 14.59 4.25 14.34
N SER B 51 15.65 3.45 14.17
CA SER B 51 16.75 3.70 13.21
C SER B 51 16.16 3.88 11.80
N THR B 52 14.96 3.38 11.52
CA THR B 52 14.39 3.25 10.14
C THR B 52 13.73 4.53 9.70
N LEU B 53 13.05 5.26 10.59
CA LEU B 53 12.40 6.57 10.30
C LEU B 53 13.24 7.74 10.82
N GLN B 54 14.51 7.50 11.20
CA GLN B 54 15.52 8.56 11.54
C GLN B 54 15.95 9.29 10.25
N LYS B 55 15.72 8.69 9.06
CA LYS B 55 16.05 9.25 7.71
C LYS B 55 14.94 10.22 7.27
N GLU B 56 13.73 10.03 7.81
CA GLU B 56 12.51 10.83 7.52
C GLU B 56 12.54 12.05 8.44
N ILE B 57 13.09 11.90 9.66
CA ILE B 57 13.26 13.01 10.64
C ILE B 57 14.25 14.05 10.10
N LEU B 58 15.32 13.60 9.42
CA LEU B 58 16.28 14.53 8.76
C LEU B 58 15.51 15.52 7.87
N ILE B 59 14.72 15.00 6.93
CA ILE B 59 14.10 15.83 5.85
C ILE B 59 13.02 16.75 6.44
N LEU B 60 12.63 16.53 7.71
CA LEU B 60 11.68 17.37 8.47
C LEU B 60 12.39 18.55 9.15
N LYS B 61 13.69 18.45 9.51
CA LYS B 61 14.48 19.53 10.19
C LYS B 61 14.97 20.58 9.17
N THR B 62 15.28 20.16 7.94
CA THR B 62 15.63 21.04 6.78
C THR B 62 14.39 21.37 5.94
N CYS B 63 13.18 21.32 6.54
CA CYS B 63 11.92 21.86 5.97
C CYS B 63 11.53 23.14 6.71
N ARG B 64 12.12 24.27 6.31
CA ARG B 64 11.77 25.60 6.87
C ARG B 64 10.94 26.33 5.81
N HIS B 65 9.65 26.61 6.11
CA HIS B 65 8.81 27.52 5.29
C HIS B 65 7.59 27.97 6.09
N ALA B 66 7.23 29.23 5.92
CA ALA B 66 6.12 29.88 6.65
C ALA B 66 4.87 29.05 6.38
N ASN B 67 4.71 28.56 5.13
CA ASN B 67 3.51 27.80 4.68
C ASN B 67 3.65 26.30 5.02
N ILE B 68 4.67 25.92 5.81
CA ILE B 68 4.87 24.54 6.34
C ILE B 68 4.87 24.57 7.86
N VAL B 69 4.07 23.70 8.46
CA VAL B 69 4.01 23.49 9.93
C VAL B 69 5.43 23.10 10.34
N ALA B 70 6.11 24.01 11.05
CA ALA B 70 7.57 23.96 11.24
C ALA B 70 7.85 22.96 12.36
N TYR B 71 8.88 22.14 12.14
CA TYR B 71 9.41 21.06 13.02
C TYR B 71 10.43 21.65 13.99
N HIS B 72 10.27 21.39 15.28
CA HIS B 72 11.05 22.06 16.35
C HIS B 72 12.12 21.14 16.97
N GLY B 73 12.02 19.80 16.82
CA GLY B 73 12.94 18.80 17.41
C GLY B 73 12.18 17.63 18.03
N SER B 74 12.59 16.37 17.78
CA SER B 74 11.87 15.14 18.22
C SER B 74 12.55 14.51 19.45
N TYR B 75 11.85 13.56 20.09
CA TYR B 75 12.22 12.90 21.37
C TYR B 75 11.78 11.44 21.38
N LEU B 76 12.73 10.52 21.63
CA LEU B 76 12.42 9.13 22.04
C LEU B 76 12.42 9.05 23.57
N TRP B 77 11.43 8.35 24.14
CA TRP B 77 11.32 8.07 25.59
C TRP B 77 10.40 6.88 25.87
N LEU B 78 10.94 5.89 26.59
CA LEU B 78 10.25 4.65 27.04
C LEU B 78 9.20 4.22 26.01
N GLN B 79 9.65 3.77 24.83
CA GLN B 79 8.83 3.12 23.77
C GLN B 79 7.76 4.10 23.27
N LYS B 80 8.09 5.39 23.19
CA LYS B 80 7.17 6.46 22.72
C LYS B 80 7.99 7.54 22.03
N LEU B 81 7.51 7.99 20.88
CA LEU B 81 8.20 8.99 20.03
C LEU B 81 7.32 10.22 19.90
N TRP B 82 7.84 11.35 20.38
CA TRP B 82 7.16 12.65 20.47
C TRP B 82 7.80 13.64 19.48
N ILE B 83 6.98 14.24 18.60
CA ILE B 83 7.41 15.29 17.63
C ILE B 83 6.83 16.63 18.09
N CYS B 84 7.71 17.59 18.37
CA CYS B 84 7.34 18.98 18.74
C CYS B 84 7.19 19.80 17.45
N MET B 85 6.22 20.73 17.45
CA MET B 85 5.61 21.27 16.21
C MET B 85 4.88 22.62 16.40
N GLU B 86 5.00 23.52 15.41
CA GLU B 86 4.16 24.75 15.27
C GLU B 86 2.72 24.40 15.67
N PHE B 87 2.11 25.22 16.52
CA PHE B 87 0.69 25.12 16.92
C PHE B 87 -0.15 26.03 16.00
N CYS B 88 -1.17 25.43 15.34
CA CYS B 88 -2.21 26.15 14.58
C CYS B 88 -3.55 25.90 15.28
N GLY B 89 -4.01 26.89 16.06
CA GLY B 89 -5.03 26.71 17.11
C GLY B 89 -6.48 26.65 16.61
N ALA B 90 -6.72 26.83 15.30
CA ALA B 90 -8.08 26.70 14.71
C ALA B 90 -8.28 25.31 14.13
N GLY B 91 -7.25 24.47 14.21
CA GLY B 91 -7.22 23.13 13.59
C GLY B 91 -7.12 23.25 12.08
N SER B 92 -7.67 22.27 11.36
CA SER B 92 -7.66 22.14 9.89
C SER B 92 -8.90 22.78 9.23
N LEU B 93 -8.79 23.04 7.94
CA LEU B 93 -9.87 23.65 7.13
C LEU B 93 -11.11 22.76 7.24
N GLN B 94 -10.90 21.45 7.37
CA GLN B 94 -12.01 20.49 7.32
C GLN B 94 -12.76 20.56 8.63
N ASP B 95 -12.06 20.77 9.75
CA ASP B 95 -12.81 20.98 11.02
C ASP B 95 -13.55 22.32 10.95
N ILE B 96 -13.11 23.20 10.06
CA ILE B 96 -13.66 24.57 9.98
C ILE B 96 -14.92 24.50 9.10
N TYR B 97 -14.84 24.01 7.88
CA TYR B 97 -16.04 24.03 7.00
C TYR B 97 -17.15 23.12 7.55
N GLN B 98 -16.81 22.03 8.22
CA GLN B 98 -17.77 21.16 8.94
C GLN B 98 -18.55 21.95 10.00
N VAL B 99 -18.21 23.21 10.27
CA VAL B 99 -18.98 24.09 11.19
C VAL B 99 -19.50 25.27 10.37
N THR B 100 -18.61 25.96 9.65
CA THR B 100 -18.87 27.26 8.98
C THR B 100 -19.65 27.09 7.67
N GLY B 101 -19.90 25.88 7.23
CA GLY B 101 -20.30 25.65 5.83
C GLY B 101 -19.15 25.90 4.85
N SER B 102 -19.49 26.05 3.57
CA SER B 102 -18.57 26.18 2.42
C SER B 102 -17.74 27.45 2.52
N LEU B 103 -16.60 27.51 1.88
CA LEU B 103 -15.74 28.71 1.91
C LEU B 103 -16.09 29.56 0.69
N SER B 104 -15.86 30.88 0.77
CA SER B 104 -16.06 31.75 -0.42
C SER B 104 -14.94 31.48 -1.44
N GLU B 105 -15.20 31.76 -2.71
CA GLU B 105 -14.19 31.68 -3.80
C GLU B 105 -12.93 32.41 -3.33
N LEU B 106 -13.05 33.62 -2.75
CA LEU B 106 -11.87 34.46 -2.35
C LEU B 106 -11.11 33.82 -1.18
N GLN B 107 -11.77 33.42 -0.10
CA GLN B 107 -11.17 32.62 0.98
C GLN B 107 -10.45 31.41 0.37
N ILE B 108 -11.16 30.58 -0.40
CA ILE B 108 -10.59 29.37 -1.06
C ILE B 108 -9.36 29.82 -1.84
N SER B 109 -9.40 30.99 -2.50
CA SER B 109 -8.28 31.44 -3.38
C SER B 109 -7.03 31.77 -2.54
N TYR B 110 -7.18 32.30 -1.33
CA TYR B 110 -5.99 32.68 -0.53
C TYR B 110 -5.39 31.37 -0.01
N VAL B 111 -6.24 30.46 0.47
CA VAL B 111 -5.80 29.09 0.89
C VAL B 111 -4.99 28.43 -0.24
N CYS B 112 -5.49 28.49 -1.46
CA CYS B 112 -4.83 27.87 -2.63
C CYS B 112 -3.49 28.53 -2.90
N ARG B 113 -3.38 29.86 -2.81
CA ARG B 113 -2.08 30.56 -3.06
C ARG B 113 -1.06 30.12 -2.00
N GLU B 114 -1.51 29.84 -0.77
CA GLU B 114 -0.64 29.58 0.38
C GLU B 114 -0.04 28.18 0.23
N VAL B 115 -0.93 27.21 0.01
CA VAL B 115 -0.60 25.79 -0.25
C VAL B 115 0.42 25.79 -1.38
N LEU B 116 0.14 26.53 -2.46
CA LEU B 116 1.06 26.50 -3.62
C LEU B 116 2.42 26.97 -3.16
N GLN B 117 2.48 28.07 -2.39
CA GLN B 117 3.72 28.62 -1.76
C GLN B 117 4.50 27.50 -1.04
N GLY B 118 3.85 26.73 -0.17
CA GLY B 118 4.50 25.62 0.52
C GLY B 118 4.98 24.51 -0.42
N LEU B 119 4.07 24.03 -1.27
CA LEU B 119 4.35 23.04 -2.35
C LEU B 119 5.59 23.45 -3.14
N ALA B 120 5.57 24.64 -3.72
CA ALA B 120 6.66 25.11 -4.58
C ALA B 120 7.99 24.93 -3.85
N TYR B 121 8.01 25.20 -2.53
CA TYR B 121 9.23 25.11 -1.69
C TYR B 121 9.58 23.64 -1.51
N LEU B 122 8.59 22.82 -1.12
CA LEU B 122 8.71 21.33 -1.04
C LEU B 122 9.28 20.80 -2.35
N HIS B 123 8.59 20.98 -3.48
CA HIS B 123 9.10 20.53 -4.80
C HIS B 123 10.50 21.10 -5.07
N SER B 124 10.79 22.36 -4.71
CA SER B 124 12.14 22.95 -4.89
C SER B 124 13.17 22.13 -4.10
N GLN B 125 12.83 21.65 -2.89
CA GLN B 125 13.64 20.71 -2.08
C GLN B 125 13.47 19.26 -2.57
N LYS B 126 12.78 19.04 -3.71
CA LYS B 126 12.54 17.70 -4.32
C LYS B 126 11.96 16.79 -3.24
N LYS B 127 10.98 17.27 -2.47
CA LYS B 127 10.07 16.42 -1.65
C LYS B 127 8.68 16.40 -2.32
N ILE B 128 7.73 15.59 -1.82
CA ILE B 128 6.32 15.52 -2.29
C ILE B 128 5.42 15.36 -1.06
N HIS B 129 4.29 16.06 -1.01
CA HIS B 129 3.43 16.08 0.20
C HIS B 129 2.79 14.71 0.31
N ARG B 130 2.19 14.27 -0.81
CA ARG B 130 1.54 12.96 -1.05
C ARG B 130 0.09 12.91 -0.54
N ASP B 131 -0.38 13.89 0.20
CA ASP B 131 -1.68 13.82 0.90
C ASP B 131 -2.24 15.24 1.11
N ILE B 132 -2.31 16.04 0.03
CA ILE B 132 -2.98 17.37 0.11
C ILE B 132 -4.51 17.14 0.24
N LYS B 133 -5.08 17.62 1.33
CA LYS B 133 -6.56 17.70 1.50
C LYS B 133 -6.91 18.65 2.65
N GLY B 134 -8.15 19.08 2.72
CA GLY B 134 -8.70 19.92 3.80
C GLY B 134 -8.18 19.52 5.18
N ALA B 135 -8.03 18.24 5.49
CA ALA B 135 -7.71 17.76 6.86
C ALA B 135 -6.24 18.01 7.20
N ASN B 136 -5.42 18.29 6.18
CA ASN B 136 -3.97 18.45 6.35
C ASN B 136 -3.59 19.91 6.05
N ILE B 137 -4.57 20.83 6.02
CA ILE B 137 -4.27 22.30 5.90
C ILE B 137 -4.71 22.97 7.18
N LEU B 138 -3.74 23.55 7.89
CA LEU B 138 -3.91 24.05 9.28
C LEU B 138 -3.99 25.57 9.24
N ILE B 139 -4.73 26.11 10.19
CA ILE B 139 -5.06 27.55 10.35
C ILE B 139 -4.66 27.98 11.76
N ASN B 140 -3.66 28.88 11.94
CA ASN B 140 -3.39 29.51 13.27
C ASN B 140 -4.44 30.59 13.58
N ASP B 141 -4.47 31.04 14.83
CA ASP B 141 -5.40 32.07 15.35
C ASP B 141 -5.15 33.43 14.66
N ALA B 142 -4.14 33.53 13.78
CA ALA B 142 -3.86 34.67 12.88
C ALA B 142 -4.41 34.41 11.48
N GLY B 143 -5.07 33.27 11.25
CA GLY B 143 -5.69 32.93 9.96
C GLY B 143 -4.66 32.74 8.83
N GLU B 144 -3.44 32.29 9.21
CA GLU B 144 -2.38 31.84 8.27
C GLU B 144 -2.53 30.34 8.09
N VAL B 145 -1.93 29.85 7.01
CA VAL B 145 -2.12 28.48 6.44
C VAL B 145 -0.79 27.72 6.51
N ARG B 146 -0.84 26.45 6.92
CA ARG B 146 0.31 25.52 7.09
C ARG B 146 -0.11 24.09 6.64
N LEU B 147 0.54 23.51 5.61
CA LEU B 147 0.47 22.07 5.30
C LEU B 147 1.00 21.28 6.50
N ALA B 148 0.22 20.35 6.99
CA ALA B 148 0.66 19.42 8.03
C ALA B 148 1.10 18.12 7.36
N ASP B 149 1.84 17.30 8.12
CA ASP B 149 2.30 15.95 7.74
C ASP B 149 1.84 15.00 8.83
N PHE B 150 0.67 14.38 8.63
CA PHE B 150 0.22 13.19 9.40
C PHE B 150 0.93 11.96 8.81
N GLY B 151 0.95 11.87 7.48
CA GLY B 151 1.63 10.79 6.72
C GLY B 151 3.04 11.18 6.33
N ILE B 152 3.93 11.38 7.31
CA ILE B 152 5.41 11.51 7.08
C ILE B 152 6.19 10.77 8.17
N SER B 153 5.92 10.99 9.47
CA SER B 153 6.51 10.18 10.56
C SER B 153 5.57 9.01 10.90
N ALA B 154 4.58 8.72 10.04
CA ALA B 154 3.60 7.61 10.15
C ALA B 154 4.15 6.35 9.44
N GLN B 155 5.46 6.33 9.15
CA GLN B 155 6.23 5.19 8.59
C GLN B 155 6.44 4.13 9.69
N ILE B 156 5.35 3.46 10.10
CA ILE B 156 5.28 2.60 11.31
C ILE B 156 4.21 1.53 11.08
N THR B 169 5.35 -8.91 4.09
CA THR B 169 6.46 -9.39 3.22
C THR B 169 6.83 -8.31 2.21
N PRO B 170 8.06 -7.76 2.25
CA PRO B 170 8.88 -7.58 1.05
C PRO B 170 9.91 -8.65 0.64
N TYR B 171 10.29 -9.59 1.52
CA TYR B 171 11.36 -10.61 1.26
C TYR B 171 11.28 -11.17 -0.17
N TRP B 172 10.05 -11.54 -0.56
CA TRP B 172 9.77 -12.18 -1.86
C TRP B 172 9.54 -11.15 -2.99
N MET B 173 9.26 -9.88 -2.69
CA MET B 173 9.10 -8.80 -3.72
C MET B 173 10.37 -8.60 -4.54
N ALA B 174 10.25 -8.46 -5.86
CA ALA B 174 11.34 -8.05 -6.77
C ALA B 174 11.66 -6.55 -6.66
N PRO B 175 12.89 -6.12 -7.07
CA PRO B 175 13.30 -4.73 -7.03
C PRO B 175 12.32 -3.67 -7.55
N GLU B 176 11.69 -3.97 -8.69
CA GLU B 176 10.75 -3.05 -9.40
C GLU B 176 9.49 -2.89 -8.55
N VAL B 177 8.98 -3.96 -7.95
CA VAL B 177 7.78 -3.99 -7.09
C VAL B 177 8.13 -3.19 -5.84
N ALA B 178 9.34 -3.42 -5.32
CA ALA B 178 9.90 -2.82 -4.09
C ALA B 178 9.95 -1.30 -4.22
N ALA B 179 10.58 -0.83 -5.28
CA ALA B 179 10.80 0.60 -5.56
C ALA B 179 9.43 1.29 -5.57
N VAL B 180 8.61 0.88 -6.53
CA VAL B 180 7.21 1.36 -6.73
C VAL B 180 6.49 1.33 -5.37
N ALA B 181 6.78 0.33 -4.53
CA ALA B 181 6.13 0.16 -3.21
C ALA B 181 6.62 1.20 -2.19
N LEU B 182 7.79 1.83 -2.32
CA LEU B 182 8.10 2.97 -1.41
C LEU B 182 7.57 4.24 -2.05
N LYS B 183 8.06 4.53 -3.25
CA LYS B 183 7.83 5.78 -4.02
C LYS B 183 6.36 5.98 -4.43
N GLY B 184 5.50 4.94 -4.42
CA GLY B 184 4.27 4.98 -5.23
C GLY B 184 4.64 5.40 -6.65
N GLY B 185 3.68 5.90 -7.41
CA GLY B 185 3.91 6.58 -8.71
C GLY B 185 3.76 8.09 -8.53
N TYR B 186 3.45 8.49 -7.31
CA TYR B 186 3.61 9.88 -6.86
C TYR B 186 4.71 10.53 -7.72
N ASN B 187 4.31 11.64 -8.35
CA ASN B 187 5.15 12.64 -9.04
C ASN B 187 4.81 13.96 -8.36
N GLU B 188 5.76 14.87 -8.14
CA GLU B 188 5.51 16.18 -7.47
C GLU B 188 4.22 16.83 -7.98
N LEU B 189 3.83 16.52 -9.22
CA LEU B 189 2.67 17.14 -9.89
C LEU B 189 1.37 16.59 -9.31
N CYS B 190 1.37 15.40 -8.74
CA CYS B 190 0.12 14.81 -8.20
C CYS B 190 -0.32 15.67 -7.00
N ASP B 191 0.62 16.37 -6.38
CA ASP B 191 0.35 17.40 -5.33
C ASP B 191 -0.57 18.51 -5.88
N ILE B 192 -0.29 19.02 -7.09
CA ILE B 192 -1.13 20.02 -7.80
C ILE B 192 -2.56 19.50 -7.93
N TRP B 193 -2.74 18.45 -8.75
CA TRP B 193 -4.02 17.70 -8.89
C TRP B 193 -4.73 17.71 -7.54
N SER B 194 -4.13 17.11 -6.50
CA SER B 194 -4.77 17.02 -5.17
C SER B 194 -5.26 18.39 -4.74
N LEU B 195 -4.56 19.45 -5.09
CA LEU B 195 -4.97 20.78 -4.58
C LEU B 195 -6.29 21.12 -5.25
N GLY B 196 -6.34 21.14 -6.58
CA GLY B 196 -7.59 21.03 -7.39
C GLY B 196 -8.72 20.33 -6.64
N ILE B 197 -8.50 19.12 -6.17
CA ILE B 197 -9.61 18.38 -5.49
C ILE B 197 -9.95 19.08 -4.19
N THR B 198 -8.94 19.50 -3.46
CA THR B 198 -9.06 20.23 -2.16
C THR B 198 -9.90 21.49 -2.37
N ALA B 199 -9.71 22.18 -3.49
CA ALA B 199 -10.45 23.45 -3.70
C ALA B 199 -11.94 23.11 -3.82
N ILE B 200 -12.25 22.09 -4.63
CA ILE B 200 -13.64 21.59 -4.80
C ILE B 200 -14.08 21.15 -3.42
N GLU B 201 -13.29 20.35 -2.75
CA GLU B 201 -13.66 19.92 -1.38
C GLU B 201 -14.11 21.17 -0.61
N LEU B 202 -13.32 22.26 -0.65
CA LEU B 202 -13.57 23.45 0.23
C LEU B 202 -14.83 24.18 -0.25
N ALA B 203 -14.99 24.30 -1.57
CA ALA B 203 -16.21 24.84 -2.22
C ALA B 203 -17.47 24.07 -1.81
N GLU B 204 -17.49 22.74 -1.83
CA GLU B 204 -18.78 21.93 -1.87
C GLU B 204 -18.94 20.96 -0.68
N LEU B 205 -17.99 20.91 0.27
CA LEU B 205 -18.06 20.19 1.60
C LEU B 205 -17.57 18.73 1.52
N GLN B 206 -17.08 18.33 0.35
CA GLN B 206 -16.85 16.90 -0.04
C GLN B 206 -16.12 16.94 -1.38
N PRO B 207 -15.15 16.04 -1.61
CA PRO B 207 -14.50 15.97 -2.92
C PRO B 207 -15.38 15.17 -3.86
N PRO B 208 -15.15 15.21 -5.19
CA PRO B 208 -15.85 14.32 -6.09
C PRO B 208 -15.88 12.87 -5.53
N LEU B 209 -17.04 12.24 -5.62
CA LEU B 209 -17.24 10.77 -5.49
C LEU B 209 -17.03 10.30 -4.03
N PHE B 210 -17.24 11.19 -3.03
CA PHE B 210 -17.12 10.80 -1.59
C PHE B 210 -18.25 9.81 -1.23
N ASP B 211 -19.29 9.68 -2.06
CA ASP B 211 -20.47 8.84 -1.72
C ASP B 211 -20.46 7.53 -2.58
N VAL B 212 -19.34 7.39 -3.30
CA VAL B 212 -18.88 6.29 -4.18
C VAL B 212 -17.73 5.62 -3.42
N HIS B 213 -17.94 4.36 -3.01
CA HIS B 213 -16.94 3.36 -2.60
C HIS B 213 -15.59 3.63 -3.27
N PRO B 214 -14.46 3.62 -2.49
CA PRO B 214 -13.17 4.10 -2.97
C PRO B 214 -12.41 3.26 -4.01
N LEU B 215 -12.58 1.94 -3.98
CA LEU B 215 -12.05 1.04 -5.02
C LEU B 215 -12.62 1.43 -6.40
N ARG B 216 -13.95 1.50 -6.52
CA ARG B 216 -14.60 1.87 -7.82
C ARG B 216 -13.95 3.14 -8.37
N VAL B 217 -13.83 4.15 -7.49
CA VAL B 217 -13.22 5.47 -7.81
C VAL B 217 -11.78 5.25 -8.32
N LEU B 218 -11.01 4.36 -7.66
CA LEU B 218 -9.65 4.06 -8.15
C LEU B 218 -9.74 3.45 -9.56
N PHE B 219 -10.64 2.45 -9.80
CA PHE B 219 -10.86 1.82 -11.13
C PHE B 219 -11.26 2.89 -12.15
N LEU B 220 -12.31 3.65 -11.81
CA LEU B 220 -12.93 4.67 -12.68
C LEU B 220 -11.85 5.57 -13.28
N MET B 221 -10.87 5.97 -12.45
CA MET B 221 -9.75 6.89 -12.80
C MET B 221 -8.83 6.40 -13.92
N THR B 222 -8.71 5.08 -14.08
CA THR B 222 -7.81 4.45 -15.09
C THR B 222 -8.53 4.08 -16.40
N LYS B 223 -9.87 4.19 -16.50
CA LYS B 223 -10.53 3.83 -17.79
C LYS B 223 -10.07 4.81 -18.86
N SER B 224 -9.97 4.36 -20.11
CA SER B 224 -9.77 5.21 -21.31
C SER B 224 -10.21 6.63 -20.97
N GLY B 225 -11.51 6.92 -21.17
CA GLY B 225 -12.08 8.28 -21.25
C GLY B 225 -12.60 8.79 -19.92
N TYR B 226 -11.89 8.52 -18.82
CA TYR B 226 -12.08 9.26 -17.55
C TYR B 226 -11.94 10.75 -17.84
N GLN B 227 -13.02 11.49 -17.62
CA GLN B 227 -13.07 12.97 -17.61
C GLN B 227 -12.73 13.47 -16.22
N PRO B 228 -11.75 14.40 -16.06
CA PRO B 228 -11.43 15.00 -14.76
C PRO B 228 -12.67 15.71 -14.24
N PRO B 229 -12.81 15.83 -12.91
CA PRO B 229 -14.02 16.38 -12.31
C PRO B 229 -14.00 17.92 -12.23
N ARG B 230 -15.09 18.49 -11.67
CA ARG B 230 -15.50 19.90 -11.86
C ARG B 230 -16.49 20.33 -10.79
N LEU B 231 -16.62 21.65 -10.62
CA LEU B 231 -17.59 22.25 -9.69
C LEU B 231 -18.99 21.97 -10.27
N LYS B 232 -19.96 21.68 -9.40
CA LYS B 232 -21.36 21.34 -9.71
C LYS B 232 -22.05 22.58 -10.24
N GLU B 233 -22.02 23.64 -9.44
CA GLU B 233 -22.57 24.97 -9.76
C GLU B 233 -21.56 25.66 -10.66
N LYS B 234 -22.02 26.52 -11.55
CA LYS B 234 -21.25 27.12 -12.68
C LYS B 234 -21.32 28.63 -12.51
N GLY B 235 -22.52 29.17 -12.31
CA GLY B 235 -22.76 30.61 -12.15
C GLY B 235 -22.06 31.12 -10.92
N LYS B 236 -22.26 30.43 -9.80
CA LYS B 236 -21.67 30.65 -8.44
C LYS B 236 -20.14 30.85 -8.44
N TRP B 237 -19.39 30.37 -9.43
CA TRP B 237 -17.91 30.55 -9.35
C TRP B 237 -17.43 31.27 -10.60
N SER B 238 -16.45 32.14 -10.42
CA SER B 238 -15.79 32.94 -11.48
C SER B 238 -15.32 31.99 -12.56
N ALA B 239 -15.04 32.49 -13.76
CA ALA B 239 -14.38 31.70 -14.82
C ALA B 239 -12.96 31.37 -14.37
N ALA B 240 -12.29 32.23 -13.58
CA ALA B 240 -10.91 31.97 -13.15
C ALA B 240 -10.91 30.74 -12.23
N PHE B 241 -11.87 30.61 -11.31
CA PHE B 241 -11.90 29.44 -10.38
C PHE B 241 -12.03 28.17 -11.23
N HIS B 242 -12.96 28.21 -12.19
CA HIS B 242 -13.19 27.12 -13.17
C HIS B 242 -11.88 26.77 -13.90
N ASN B 243 -11.12 27.76 -14.37
CA ASN B 243 -9.86 27.50 -15.11
C ASN B 243 -8.87 26.83 -14.16
N PHE B 244 -8.66 27.44 -12.98
CA PHE B 244 -7.82 26.89 -11.90
C PHE B 244 -8.06 25.37 -11.82
N ILE B 245 -9.29 24.94 -11.56
CA ILE B 245 -9.67 23.50 -11.48
C ILE B 245 -9.43 22.78 -12.81
N LYS B 246 -9.73 23.37 -13.96
CA LYS B 246 -9.53 22.67 -15.26
C LYS B 246 -8.05 22.31 -15.41
N VAL B 247 -7.20 23.20 -14.96
CA VAL B 247 -5.74 23.24 -15.29
C VAL B 247 -4.99 22.40 -14.25
N THR B 248 -5.37 22.47 -12.97
CA THR B 248 -4.80 21.65 -11.88
C THR B 248 -5.18 20.19 -12.09
N LEU B 249 -6.45 19.91 -12.37
CA LEU B 249 -6.96 18.54 -12.63
C LEU B 249 -6.75 18.15 -14.10
N THR B 250 -5.55 18.36 -14.68
CA THR B 250 -5.19 17.76 -16.00
C THR B 250 -5.03 16.26 -15.76
N LYS B 251 -5.51 15.39 -16.65
CA LYS B 251 -5.35 13.92 -16.47
C LYS B 251 -3.84 13.61 -16.57
N SER B 252 -3.17 14.15 -17.58
CA SER B 252 -1.77 13.82 -17.98
C SER B 252 -0.74 14.56 -17.12
N PRO B 253 0.15 13.87 -16.37
CA PRO B 253 1.14 14.54 -15.54
C PRO B 253 2.22 15.29 -16.34
N LYS B 254 2.47 14.85 -17.57
CA LYS B 254 3.35 15.58 -18.52
C LYS B 254 2.85 17.01 -18.71
N LYS B 255 1.52 17.22 -18.74
CA LYS B 255 0.85 18.50 -19.09
C LYS B 255 0.37 19.28 -17.85
N ARG B 256 0.50 18.76 -16.63
CA ARG B 256 -0.03 19.43 -15.43
C ARG B 256 0.96 20.51 -15.03
N PRO B 257 0.52 21.76 -14.80
CA PRO B 257 1.45 22.82 -14.41
C PRO B 257 2.13 22.61 -13.05
N SER B 258 3.39 23.06 -12.93
CA SER B 258 4.16 23.10 -11.66
C SER B 258 3.50 24.10 -10.72
N ALA B 259 3.84 24.03 -9.45
CA ALA B 259 3.33 24.93 -8.41
C ALA B 259 3.89 26.34 -8.62
N THR B 260 5.13 26.52 -9.07
CA THR B 260 5.60 27.87 -9.43
C THR B 260 4.74 28.36 -10.59
N LYS B 261 4.41 27.52 -11.56
CA LYS B 261 3.56 27.94 -12.71
C LYS B 261 2.16 28.27 -12.23
N MET B 262 1.63 27.54 -11.25
CA MET B 262 0.23 27.74 -10.77
C MET B 262 0.15 29.04 -9.98
N LEU B 263 1.24 29.49 -9.35
CA LEU B 263 1.26 30.76 -8.58
C LEU B 263 1.03 31.96 -9.52
N SER B 264 1.32 31.82 -10.83
CA SER B 264 0.96 32.77 -11.90
C SER B 264 -0.56 32.86 -11.98
N HIS B 265 -1.25 31.75 -11.79
CA HIS B 265 -2.67 31.66 -12.17
C HIS B 265 -3.39 32.89 -11.61
N GLN B 266 -4.41 33.36 -12.31
CA GLN B 266 -5.14 34.60 -11.96
C GLN B 266 -6.03 34.37 -10.75
N LEU B 267 -6.23 33.12 -10.33
CA LEU B 267 -7.12 32.86 -9.17
C LEU B 267 -6.35 33.18 -7.91
N VAL B 268 -5.02 33.01 -7.93
CA VAL B 268 -4.16 33.04 -6.71
C VAL B 268 -3.28 34.29 -6.71
N SER B 269 -3.14 35.00 -7.84
CA SER B 269 -2.27 36.18 -8.01
C SER B 269 -3.06 37.49 -8.03
N GLN B 270 -4.39 37.45 -8.11
CA GLN B 270 -5.29 38.63 -8.02
C GLN B 270 -5.02 39.38 -6.72
N PRO B 271 -5.30 40.70 -6.64
CA PRO B 271 -5.11 41.43 -5.38
C PRO B 271 -6.12 40.92 -4.34
N GLY B 272 -6.10 41.46 -3.12
CA GLY B 272 -7.15 41.25 -2.10
C GLY B 272 -6.93 40.01 -1.25
N LEU B 273 -6.01 39.12 -1.62
CA LEU B 273 -5.85 37.80 -0.94
C LEU B 273 -4.89 37.87 0.25
N ASN B 274 -5.42 37.66 1.45
CA ASN B 274 -4.67 37.91 2.71
C ASN B 274 -5.46 37.26 3.86
N ARG B 275 -4.81 37.11 5.00
CA ARG B 275 -5.27 36.34 6.19
C ARG B 275 -6.61 36.85 6.71
N GLY B 276 -6.89 38.14 6.49
CA GLY B 276 -8.21 38.77 6.71
C GLY B 276 -9.35 37.89 6.23
N LEU B 277 -9.31 37.39 4.99
CA LEU B 277 -10.39 36.51 4.44
C LEU B 277 -10.67 35.39 5.45
N ILE B 278 -9.61 34.75 5.97
CA ILE B 278 -9.72 33.57 6.88
C ILE B 278 -10.12 34.03 8.28
N LEU B 279 -9.54 35.14 8.74
CA LEU B 279 -9.96 35.81 10.00
C LEU B 279 -11.49 35.92 10.02
N ASP B 280 -12.08 36.37 8.91
CA ASP B 280 -13.56 36.41 8.68
C ASP B 280 -14.11 35.03 9.05
N LEU B 281 -13.58 33.99 8.39
CA LEU B 281 -14.03 32.58 8.53
C LEU B 281 -13.90 32.10 9.98
N LEU B 282 -12.83 32.53 10.69
CA LEU B 282 -12.59 32.12 12.10
C LEU B 282 -13.63 32.76 13.02
N ASP B 283 -14.00 34.01 12.73
CA ASP B 283 -15.12 34.71 13.42
C ASP B 283 -16.40 33.94 13.10
N LYS B 284 -16.65 33.64 11.82
CA LYS B 284 -17.87 32.95 11.37
C LYS B 284 -18.04 31.67 12.20
N LEU B 285 -16.91 31.00 12.48
CA LEU B 285 -16.78 29.76 13.32
C LEU B 285 -17.16 30.01 14.79
N LYS B 286 -16.77 31.14 15.41
CA LYS B 286 -17.24 31.53 16.79
C LYS B 286 -18.74 31.89 16.76
N ASN B 287 -19.09 32.97 16.04
CA ASN B 287 -20.36 33.76 16.14
C ASN B 287 -21.21 33.57 14.87
N PRO B 288 -21.92 32.42 14.70
CA PRO B 288 -22.90 32.28 13.61
C PRO B 288 -24.20 33.04 13.94
C2 XOH C . -6.47 -21.97 0.31
C4 XOH C . -6.09 -19.91 1.66
C5 XOH C . -4.75 -19.86 2.41
C11 XOH C . -6.64 -23.30 0.25
C12 XOH C . -7.13 -23.82 -0.87
N13 XOH C . -7.21 -25.11 -0.72
C16 XOH C . -6.12 -26.81 2.29
C17 XOH C . -5.73 -25.68 2.97
C18 XOH C . -5.84 -24.42 2.36
C21 XOH C . -5.13 -23.20 5.44
C23 XOH C . -4.28 -23.26 6.55
C24 XOH C . -2.92 -23.47 6.35
C30 XOH C . 0.83 -21.86 10.39
C31 XOH C . 1.12 -21.16 11.71
C33 XOH C . 2.53 -19.25 12.00
C34 XOH C . 3.90 -18.65 12.01
C36 XOH C . 4.72 -20.78 12.77
C37 XOH C . 3.34 -21.42 12.75
C38 XOH C . -2.45 -23.64 5.03
C39 XOH C . -3.30 -23.58 3.93
O35 XOH C . 4.62 -19.35 13.04
N32 XOH C . 2.53 -20.71 11.72
C29 XOH C . -0.64 -22.28 10.50
N28 XOH C . -0.89 -23.00 9.24
C26 XOH C . -1.95 -22.78 8.42
O27 XOH C . -2.80 -21.93 8.68
N25 XOH C . -1.99 -23.58 7.33
F40 XOH C . -2.82 -23.72 2.61
F22 XOH C . -6.22 -23.00 5.63
C20 XOH C . -4.65 -23.36 4.14
O19 XOH C . -5.48 -23.28 3.05
C41 XOH C . -6.36 -24.31 1.11
N15 XOH C . -6.62 -26.66 1.01
C14 XOH C . -6.74 -25.43 0.48
O1 XOH C . -6.44 -21.31 -0.73
N3 XOH C . -6.40 -21.37 1.51
N6 XOH C . -4.71 -19.98 3.74
O7 XOH C . -3.31 -19.94 4.07
N8 XOH C . -2.58 -19.79 2.85
C9 XOH C . -3.51 -19.77 1.91
C10 XOH C . -3.09 -19.63 0.46
C2 XOH D . -0.46 18.41 13.18
C4 XOH D . -1.13 16.07 12.87
C5 XOH D . -2.59 15.94 12.42
C11 XOH D . -0.56 19.58 13.87
C12 XOH D . 0.47 20.42 13.80
N13 XOH D . 0.20 21.48 14.52
C16 XOH D . -2.94 21.94 16.25
C17 XOH D . -3.51 20.74 15.87
C18 XOH D . -2.80 19.86 15.04
C21 XOH D . -5.31 17.70 15.70
C23 XOH D . -6.69 17.42 15.69
C24 XOH D . -7.48 17.85 14.61
C30 XOH D . -13.19 15.83 14.77
C31 XOH D . -13.36 15.83 13.23
C33 XOH D . -14.32 14.66 11.33
C34 XOH D . -15.63 14.33 10.74
C36 XOH D . -16.18 13.20 12.80
C37 XOH D . -15.02 13.87 13.54
C38 XOH D . -6.85 18.55 13.58
C39 XOH D . -5.48 18.84 13.60
O35 XOH D . -15.95 13.05 11.34
N32 XOH D . -14.53 15.05 12.74
C29 XOH D . -11.74 15.51 15.12
N28 XOH D . -10.85 16.59 14.63
C26 XOH D . -9.53 16.62 14.95
O27 XOH D . -9.05 15.75 15.67
N25 XOH D . -8.81 17.67 14.45
F40 XOH D . -4.90 19.56 12.54
F22 XOH D . -4.69 17.37 16.53
C20 XOH D . -4.73 18.43 14.67
O19 XOH D . -3.35 18.66 14.70
C41 XOH D . -1.54 20.16 14.62
N15 XOH D . -1.67 22.22 15.81
C14 XOH D . -1.02 21.34 15.03
O1 XOH D . 0.32 18.32 12.21
N3 XOH D . -1.10 17.34 13.64
N6 XOH D . -3.51 15.46 13.27
O7 XOH D . -4.79 15.54 12.57
N8 XOH D . -4.47 16.13 11.24
C9 XOH D . -3.16 16.35 11.27
C10 XOH D . -2.49 16.93 10.06
#